data_4K6U
#
_entry.id   4K6U
#
_cell.length_a   60.860
_cell.length_b   69.910
_cell.length_c   74.070
_cell.angle_alpha   90.00
_cell.angle_beta   94.62
_cell.angle_gamma   90.00
#
_symmetry.space_group_name_H-M   'P 1 21 1'
#
loop_
_entity.id
_entity.type
_entity.pdbx_description
1 polymer 'Fiber protein'
2 non-polymer 'ZINC ION'
3 non-polymer 'N-acetyl-alpha-neuraminic acid'
4 non-polymer "3,3',3''-[nitrilotris(methanediyl-1H-1,2,3-triazole-4,1-diyl)]tripropan-1-ol"
5 non-polymer 'ACETATE ION'
6 water water
#
_entity_poly.entity_id   1
_entity_poly.type   'polypeptide(L)'
_entity_poly.pdbx_seq_one_letter_code
;GAMGSWNPKYDTRTLWTTPDTSPNCTIAQDKDSKLTLVLTKCGSQILANVSLIVVAGKYHIINNKTNPKIKSFTIKLLFN
KNGVLLDNSNLGKAYWNFRSGNSNVSTAYEKAIGFMPNLVAYPKPSNSKKYARDIVYGTIYLGGKPDQPAVIKTTFNQET
GCEYSITFNFSWSKTYENVEFETTSFTFSYIAQE
;
_entity_poly.pdbx_strand_id   A,B,C
#
loop_
_chem_comp.id
_chem_comp.type
_chem_comp.name
_chem_comp.formula
1P4 non-polymer 3,3',3''-[nitrilotris(methanediyl-1H-1,2,3-triazole-4,1-diyl)]tripropan-1-ol 'C18 H30 N10 O3'
ACT non-polymer 'ACETATE ION' 'C2 H3 O2 -1'
SIA D-saccharide, alpha linking 'N-acetyl-alpha-neuraminic acid' 'C11 H19 N O9'
ZN non-polymer 'ZINC ION' 'Zn 2'
#
# COMPACT_ATOMS: atom_id res chain seq x y z
N ASP A 11 20.82 -3.05 -0.68
CA ASP A 11 20.60 -2.09 -1.84
C ASP A 11 19.27 -2.33 -2.54
N THR A 12 19.08 -3.53 -3.08
CA THR A 12 17.76 -3.99 -3.59
C THR A 12 17.36 -5.34 -2.96
N ARG A 13 17.90 -5.59 -1.78
CA ARG A 13 17.80 -6.90 -1.16
C ARG A 13 16.54 -7.01 -0.30
N THR A 14 16.33 -8.23 0.17
CA THR A 14 15.20 -8.55 0.99
C THR A 14 15.69 -9.14 2.29
N LEU A 15 15.19 -8.56 3.37
CA LEU A 15 15.38 -9.01 4.73
C LEU A 15 14.05 -9.61 5.12
N TRP A 16 14.05 -10.87 5.58
CA TRP A 16 12.78 -11.54 5.90
C TRP A 16 12.86 -12.60 6.93
N THR A 17 11.68 -13.15 7.24
CA THR A 17 11.51 -14.18 8.25
C THR A 17 11.57 -15.59 7.66
N THR A 18 11.75 -15.64 6.35
CA THR A 18 11.46 -16.83 5.51
C THR A 18 9.94 -16.90 5.41
N PRO A 19 9.42 -17.63 4.40
CA PRO A 19 8.00 -17.66 4.22
C PRO A 19 7.33 -18.97 4.62
N ASP A 20 8.01 -19.81 5.41
CA ASP A 20 7.38 -21.05 5.91
C ASP A 20 6.41 -20.69 7.02
N THR A 21 5.83 -21.70 7.65
CA THR A 21 4.87 -21.46 8.73
C THR A 21 5.40 -21.98 10.06
N SER A 22 6.73 -22.13 10.14
CA SER A 22 7.38 -22.53 11.37
C SER A 22 7.37 -21.40 12.40
N PRO A 23 6.86 -21.67 13.61
CA PRO A 23 6.81 -20.58 14.57
C PRO A 23 8.18 -19.93 14.76
N ASN A 24 8.21 -18.60 14.79
CA ASN A 24 9.47 -17.86 14.94
C ASN A 24 9.34 -16.72 15.95
N CYS A 25 8.25 -16.73 16.73
CA CYS A 25 7.85 -15.54 17.49
C CYS A 25 7.16 -15.93 18.81
N THR A 26 7.40 -15.10 19.82
CA THR A 26 6.95 -15.33 21.17
C THR A 26 6.13 -14.13 21.59
N ILE A 27 4.81 -14.30 21.71
CA ILE A 27 3.92 -13.22 22.16
C ILE A 27 3.59 -13.36 23.64
N ALA A 28 2.97 -14.46 24.01
CA ALA A 28 2.59 -14.72 25.40
C ALA A 28 3.40 -15.87 25.97
N GLN A 29 3.71 -16.85 25.11
CA GLN A 29 4.58 -17.97 25.47
C GLN A 29 5.49 -18.32 24.31
N ASP A 30 6.47 -19.16 24.61
CA ASP A 30 7.58 -19.47 23.72
C ASP A 30 7.15 -20.01 22.35
N LYS A 31 7.50 -19.27 21.29
CA LYS A 31 7.25 -19.71 19.93
C LYS A 31 5.76 -20.05 19.69
N ASP A 32 4.89 -19.18 20.19
CA ASP A 32 3.46 -19.34 20.02
C ASP A 32 2.92 -18.78 18.69
N SER A 33 3.80 -18.23 17.86
CA SER A 33 3.39 -17.58 16.62
C SER A 33 4.43 -17.58 15.50
N LYS A 34 3.92 -17.39 14.29
CA LYS A 34 4.72 -17.15 13.11
C LYS A 34 4.41 -15.78 12.58
N LEU A 35 5.35 -14.85 12.77
CA LEU A 35 5.32 -13.56 12.10
C LEU A 35 5.99 -13.71 10.76
N THR A 36 5.24 -13.49 9.70
CA THR A 36 5.83 -13.51 8.37
C THR A 36 5.98 -12.06 7.98
N LEU A 37 7.23 -11.61 7.91
CA LEU A 37 7.56 -10.22 7.61
C LEU A 37 8.64 -10.18 6.53
N VAL A 38 8.37 -9.40 5.48
CA VAL A 38 9.27 -9.26 4.35
C VAL A 38 9.53 -7.79 4.10
N LEU A 39 10.80 -7.42 4.13
CA LEU A 39 11.25 -6.03 3.92
C LEU A 39 12.13 -5.96 2.73
N THR A 40 11.73 -5.16 1.77
CA THR A 40 12.40 -5.08 0.51
C THR A 40 12.82 -3.64 0.29
N LYS A 41 14.11 -3.42 0.13
CA LYS A 41 14.62 -2.09 0.02
C LYS A 41 14.45 -1.57 -1.38
N CYS A 42 13.60 -0.56 -1.53
CA CYS A 42 13.42 0.16 -2.79
CA CYS A 42 13.45 0.16 -2.79
C CYS A 42 14.01 1.57 -2.63
N GLY A 43 15.33 1.65 -2.62
CA GLY A 43 16.01 2.93 -2.38
C GLY A 43 15.66 3.52 -1.02
N SER A 44 15.20 4.75 -1.03
CA SER A 44 14.86 5.48 0.20
C SER A 44 13.60 4.99 0.93
N GLN A 45 12.88 4.02 0.37
CA GLN A 45 11.77 3.41 1.07
C GLN A 45 11.93 1.93 1.16
N ILE A 46 11.49 1.38 2.29
CA ILE A 46 11.35 -0.04 2.47
C ILE A 46 9.90 -0.45 2.23
N LEU A 47 9.71 -1.39 1.31
CA LEU A 47 8.43 -1.97 1.05
C LEU A 47 8.27 -3.16 1.99
N ALA A 48 7.24 -3.09 2.86
CA ALA A 48 7.00 -4.09 3.89
C ALA A 48 5.72 -4.89 3.67
N ASN A 49 5.80 -6.18 3.96
CA ASN A 49 4.67 -7.10 3.83
C ASN A 49 4.64 -8.00 5.05
N VAL A 50 3.48 -8.06 5.71
CA VAL A 50 3.35 -8.69 7.01
C VAL A 50 2.04 -9.49 7.18
N SER A 51 2.13 -10.59 7.91
CA SER A 51 0.98 -11.37 8.36
C SER A 51 1.37 -12.12 9.62
N LEU A 52 0.36 -12.61 10.33
CA LEU A 52 0.59 -13.32 11.57
C LEU A 52 -0.27 -14.56 11.69
N ILE A 53 0.34 -15.62 12.24
CA ILE A 53 -0.34 -16.83 12.60
C ILE A 53 0.03 -17.06 14.05
N VAL A 54 -0.97 -17.08 14.94
CA VAL A 54 -0.74 -17.49 16.30
C VAL A 54 -1.16 -18.93 16.37
N VAL A 55 -0.28 -19.81 16.87
CA VAL A 55 -0.54 -21.28 16.86
C VAL A 55 -0.86 -21.87 18.19
N ALA A 56 -0.62 -21.12 19.25
CA ALA A 56 -0.77 -21.65 20.58
C ALA A 56 -0.86 -20.52 21.56
N GLY A 57 -1.25 -20.84 22.78
CA GLY A 57 -1.22 -19.84 23.85
C GLY A 57 -2.43 -18.93 23.90
N LYS A 58 -2.30 -17.94 24.76
CA LYS A 58 -3.31 -16.96 25.09
C LYS A 58 -4.05 -16.32 23.88
N TYR A 59 -3.32 -16.05 22.81
CA TYR A 59 -3.86 -15.33 21.65
C TYR A 59 -4.19 -16.24 20.44
N HIS A 60 -4.14 -17.56 20.63
CA HIS A 60 -4.41 -18.49 19.52
C HIS A 60 -5.88 -18.45 19.16
N ILE A 61 -6.74 -18.71 20.15
CA ILE A 61 -8.19 -18.73 19.97
C ILE A 61 -8.83 -17.64 20.84
N ILE A 62 -9.40 -16.63 20.20
CA ILE A 62 -10.03 -15.50 20.91
C ILE A 62 -11.51 -15.79 21.19
N ASN A 63 -11.92 -15.60 22.45
CA ASN A 63 -13.31 -15.66 22.83
C ASN A 63 -13.59 -14.49 23.74
N ASN A 64 -14.10 -13.40 23.17
CA ASN A 64 -14.45 -12.20 23.92
C ASN A 64 -15.80 -12.27 24.62
N LYS A 65 -16.55 -13.34 24.42
CA LYS A 65 -17.72 -13.57 25.27
C LYS A 65 -17.24 -14.05 26.64
N THR A 66 -16.26 -14.98 26.65
CA THR A 66 -15.75 -15.46 27.94
C THR A 66 -14.66 -14.55 28.49
N ASN A 67 -13.94 -13.88 27.60
CA ASN A 67 -12.83 -13.04 27.97
C ASN A 67 -12.89 -11.71 27.21
N PRO A 68 -13.87 -10.86 27.55
CA PRO A 68 -14.06 -9.59 26.83
C PRO A 68 -12.90 -8.60 26.94
N LYS A 69 -12.05 -8.74 27.96
CA LYS A 69 -10.93 -7.83 28.09
C LYS A 69 -9.69 -8.23 27.27
N ILE A 70 -9.70 -9.39 26.63
CA ILE A 70 -8.54 -9.80 25.77
C ILE A 70 -8.76 -9.25 24.39
N LYS A 71 -8.10 -8.12 24.11
CA LYS A 71 -8.43 -7.28 22.94
C LYS A 71 -7.24 -6.76 22.11
N SER A 72 -6.02 -6.97 22.58
CA SER A 72 -4.87 -6.51 21.84
C SER A 72 -3.61 -7.16 22.37
N PHE A 73 -2.58 -7.13 21.53
CA PHE A 73 -1.24 -7.62 21.89
C PHE A 73 -0.22 -7.01 20.97
N THR A 74 1.05 -7.17 21.33
CA THR A 74 2.13 -6.40 20.72
C THR A 74 3.30 -7.29 20.40
N ILE A 75 3.89 -7.07 19.21
CA ILE A 75 5.06 -7.80 18.72
C ILE A 75 6.11 -6.79 18.35
N LYS A 76 7.24 -6.85 19.06
CA LYS A 76 8.29 -5.86 18.88
C LYS A 76 9.55 -6.40 18.22
N LEU A 77 10.09 -5.63 17.28
CA LEU A 77 11.40 -5.88 16.72
C LEU A 77 12.28 -4.70 17.12
N LEU A 78 13.35 -5.01 17.86
CA LEU A 78 14.34 -4.05 18.32
C LEU A 78 15.63 -4.30 17.62
N PHE A 79 16.29 -3.22 17.20
CA PHE A 79 17.52 -3.29 16.44
C PHE A 79 18.59 -2.40 17.06
N ASN A 80 19.83 -2.85 16.95
CA ASN A 80 20.95 -2.05 17.44
C ASN A 80 21.40 -1.05 16.35
N LYS A 81 22.48 -0.33 16.63
CA LYS A 81 23.02 0.67 15.71
C LYS A 81 23.35 0.12 14.30
N ASN A 82 23.63 -1.18 14.20
CA ASN A 82 23.90 -1.79 12.89
C ASN A 82 22.69 -2.45 12.18
N GLY A 83 21.49 -2.23 12.74
CA GLY A 83 20.26 -2.80 12.21
C GLY A 83 20.11 -4.29 12.48
N VAL A 84 20.87 -4.82 13.44
CA VAL A 84 20.80 -6.22 13.85
C VAL A 84 19.71 -6.37 14.90
N LEU A 85 18.88 -7.39 14.74
CA LEU A 85 17.78 -7.68 15.66
C LEU A 85 18.32 -8.10 17.01
N LEU A 86 17.81 -7.47 18.05
CA LEU A 86 18.20 -7.80 19.40
C LEU A 86 17.41 -9.00 19.93
N ASP A 87 18.10 -9.77 20.78
CA ASP A 87 17.65 -11.05 21.37
C ASP A 87 16.34 -10.95 22.15
N ASN A 88 16.10 -9.81 22.77
CA ASN A 88 14.86 -9.59 23.53
C ASN A 88 13.67 -9.09 22.68
N SER A 89 13.77 -9.12 21.35
CA SER A 89 12.61 -8.83 20.48
C SER A 89 11.68 -10.03 20.53
N ASN A 90 10.39 -9.85 20.22
CA ASN A 90 9.46 -11.00 20.18
C ASN A 90 9.83 -11.98 19.07
N LEU A 91 10.29 -11.44 17.96
CA LEU A 91 10.79 -12.23 16.83
C LEU A 91 12.14 -12.83 17.19
N GLY A 92 12.28 -14.13 16.98
CA GLY A 92 13.55 -14.82 17.18
C GLY A 92 14.55 -14.44 16.09
N LYS A 93 15.83 -14.41 16.46
CA LYS A 93 16.93 -14.04 15.55
C LYS A 93 17.30 -15.14 14.55
N ALA A 94 16.99 -16.39 14.88
CA ALA A 94 17.41 -17.55 14.09
C ALA A 94 17.11 -17.48 12.59
N TYR A 95 15.91 -17.09 12.21
CA TYR A 95 15.56 -17.04 10.77
C TYR A 95 15.11 -15.65 10.27
N TRP A 96 15.62 -14.61 10.95
CA TRP A 96 15.58 -13.24 10.47
C TRP A 96 16.91 -12.93 9.80
N ASN A 97 16.90 -12.82 8.48
CA ASN A 97 18.12 -12.61 7.71
C ASN A 97 17.80 -12.27 6.26
N PHE A 98 18.82 -11.89 5.51
CA PHE A 98 18.68 -11.67 4.08
C PHE A 98 18.27 -12.94 3.36
N ARG A 99 17.46 -12.77 2.34
CA ARG A 99 16.87 -13.89 1.61
C ARG A 99 17.92 -14.58 0.74
N SER A 100 17.86 -15.92 0.72
CA SER A 100 18.48 -16.72 -0.32
C SER A 100 17.51 -17.82 -0.76
N GLY A 101 16.92 -17.66 -1.95
CA GLY A 101 15.90 -18.61 -2.42
C GLY A 101 14.71 -18.50 -1.50
N ASN A 102 14.16 -19.63 -1.05
CA ASN A 102 13.11 -19.59 -0.05
C ASN A 102 13.61 -19.73 1.38
N SER A 103 14.92 -19.54 1.57
CA SER A 103 15.53 -19.57 2.88
C SER A 103 16.35 -18.29 3.09
N ASN A 104 17.42 -18.38 3.86
CA ASN A 104 18.29 -17.24 4.14
C ASN A 104 19.74 -17.50 3.79
N VAL A 105 20.50 -16.41 3.66
CA VAL A 105 21.97 -16.49 3.57
C VAL A 105 22.52 -17.22 4.81
N SER A 106 23.66 -17.87 4.66
CA SER A 106 24.20 -18.74 5.71
C SER A 106 24.94 -17.98 6.82
N THR A 107 25.30 -16.72 6.52
CA THR A 107 25.91 -15.81 7.50
C THR A 107 24.84 -14.87 8.09
N ALA A 108 24.64 -14.90 9.42
CA ALA A 108 23.81 -13.88 10.07
C ALA A 108 24.35 -12.50 9.72
N TYR A 109 23.48 -11.59 9.27
CA TYR A 109 23.96 -10.34 8.76
C TYR A 109 24.54 -9.45 9.85
N GLU A 110 25.48 -8.60 9.44
CA GLU A 110 26.18 -7.71 10.34
C GLU A 110 25.66 -6.28 10.22
N LYS A 111 25.16 -5.92 9.04
CA LYS A 111 24.71 -4.56 8.79
C LYS A 111 23.48 -4.56 7.90
N ALA A 112 22.44 -3.85 8.34
CA ALA A 112 21.27 -3.57 7.53
C ALA A 112 20.69 -2.20 7.87
N ILE A 113 21.58 -1.22 8.02
CA ILE A 113 21.17 0.13 8.43
C ILE A 113 20.24 0.72 7.37
N GLY A 114 20.44 0.32 6.11
CA GLY A 114 19.57 0.73 5.01
C GLY A 114 18.14 0.20 5.05
N PHE A 115 17.87 -0.73 5.96
CA PHE A 115 16.51 -1.29 6.18
C PHE A 115 15.84 -0.73 7.43
N MET A 116 16.55 0.16 8.13
CA MET A 116 16.04 0.70 9.40
CA MET A 116 16.04 0.70 9.39
C MET A 116 15.14 1.93 9.18
N PRO A 117 14.16 2.13 10.09
CA PRO A 117 13.32 3.32 9.93
C PRO A 117 14.10 4.61 10.23
N ASN A 118 13.98 5.56 9.31
CA ASN A 118 14.66 6.82 9.36
C ASN A 118 14.40 7.55 10.62
N LEU A 119 15.47 7.96 11.30
CA LEU A 119 15.40 8.58 12.62
C LEU A 119 14.91 10.03 12.63
N VAL A 120 15.12 10.77 11.54
CA VAL A 120 14.63 12.13 11.44
C VAL A 120 13.12 12.05 11.18
N ALA A 121 12.70 11.15 10.29
CA ALA A 121 11.27 10.94 10.03
C ALA A 121 10.58 10.41 11.26
N TYR A 122 11.27 9.48 11.97
CA TYR A 122 10.70 8.80 13.10
C TYR A 122 11.69 8.81 14.28
N PRO A 123 11.73 9.91 15.05
CA PRO A 123 12.71 9.96 16.14
C PRO A 123 12.40 9.00 17.24
N LYS A 124 13.42 8.70 18.03
CA LYS A 124 13.23 7.90 19.24
C LYS A 124 12.50 8.76 20.24
N PRO A 125 11.89 8.14 21.24
CA PRO A 125 11.21 8.92 22.26
C PRO A 125 12.12 10.00 22.86
N SER A 126 11.55 11.17 23.11
CA SER A 126 12.29 12.28 23.68
C SER A 126 11.35 13.23 24.41
N ASN A 127 11.88 14.38 24.78
CA ASN A 127 11.11 15.48 25.36
C ASN A 127 10.27 16.18 24.29
N SER A 128 10.71 16.11 23.02
CA SER A 128 10.07 16.80 21.92
C SER A 128 8.71 16.22 21.63
N LYS A 129 7.96 16.93 20.80
CA LYS A 129 6.62 16.55 20.44
C LYS A 129 6.62 15.22 19.66
N LYS A 130 5.81 14.27 20.08
CA LYS A 130 5.73 13.02 19.34
C LYS A 130 4.68 13.19 18.22
N TYR A 131 5.12 13.15 16.95
CA TYR A 131 4.21 13.28 15.82
C TYR A 131 3.72 11.96 15.40
N ALA A 132 2.53 11.92 14.78
CA ALA A 132 1.89 10.68 14.47
C ALA A 132 2.47 10.03 13.22
N ARG A 133 3.33 10.73 12.49
CA ARG A 133 3.79 10.13 11.22
C ARG A 133 4.64 8.87 11.36
N ASP A 134 5.13 8.59 12.56
CA ASP A 134 5.83 7.31 12.82
C ASP A 134 4.88 6.12 13.02
N ILE A 135 3.59 6.32 12.73
CA ILE A 135 2.58 5.26 12.77
C ILE A 135 1.96 5.02 11.39
N VAL A 136 1.74 3.75 11.12
CA VAL A 136 0.90 3.31 10.02
C VAL A 136 -0.21 2.40 10.56
N TYR A 137 -1.44 2.69 10.18
CA TYR A 137 -2.57 1.82 10.50
C TYR A 137 -3.04 1.02 9.31
N GLY A 138 -3.35 -0.24 9.54
CA GLY A 138 -4.02 -1.03 8.53
C GLY A 138 -4.98 -2.00 9.15
N THR A 139 -5.77 -2.66 8.32
CA THR A 139 -6.70 -3.66 8.79
C THR A 139 -6.43 -4.99 8.13
N ILE A 140 -6.35 -6.08 8.91
CA ILE A 140 -6.25 -7.41 8.35
C ILE A 140 -7.43 -8.26 8.82
N TYR A 141 -7.60 -9.42 8.24
CA TYR A 141 -8.77 -10.20 8.53
C TYR A 141 -8.45 -11.61 9.05
N LEU A 142 -9.11 -11.97 10.12
CA LEU A 142 -8.88 -13.26 10.76
C LEU A 142 -9.53 -14.37 9.95
N GLY A 143 -8.72 -15.37 9.62
CA GLY A 143 -9.18 -16.48 8.82
C GLY A 143 -9.63 -16.13 7.42
N GLY A 144 -9.21 -14.98 6.92
CA GLY A 144 -9.61 -14.54 5.61
C GLY A 144 -11.09 -14.21 5.50
N LYS A 145 -11.75 -14.08 6.64
CA LYS A 145 -13.20 -13.83 6.65
C LYS A 145 -13.45 -12.33 6.65
N PRO A 146 -14.27 -11.84 5.71
CA PRO A 146 -14.39 -10.38 5.55
C PRO A 146 -15.10 -9.70 6.74
N ASP A 147 -15.82 -10.48 7.53
CA ASP A 147 -16.47 -9.95 8.75
C ASP A 147 -15.61 -10.13 10.01
N GLN A 148 -14.31 -10.47 9.84
CA GLN A 148 -13.41 -10.56 11.03
C GLN A 148 -12.19 -9.62 10.94
N PRO A 149 -12.45 -8.31 10.90
CA PRO A 149 -11.31 -7.36 10.93
C PRO A 149 -10.54 -7.32 12.23
N ALA A 150 -9.23 -7.07 12.12
CA ALA A 150 -8.45 -6.60 13.25
C ALA A 150 -7.48 -5.52 12.78
N VAL A 151 -7.17 -4.56 13.66
CA VAL A 151 -6.31 -3.46 13.31
C VAL A 151 -4.89 -3.87 13.59
N ILE A 152 -4.03 -3.66 12.60
CA ILE A 152 -2.58 -3.73 12.78
C ILE A 152 -2.01 -2.31 12.72
N LYS A 153 -1.45 -1.93 13.85
CA LYS A 153 -0.84 -0.65 14.04
C LYS A 153 0.67 -0.89 14.09
N THR A 154 1.38 -0.24 13.19
CA THR A 154 2.84 -0.32 13.11
C THR A 154 3.44 1.01 13.49
N THR A 155 4.36 1.00 14.45
CA THR A 155 5.03 2.20 14.93
C THR A 155 6.56 2.06 14.81
N PHE A 156 7.22 3.10 14.31
CA PHE A 156 8.67 3.08 14.09
C PHE A 156 9.43 3.83 15.16
N ASN A 157 10.48 3.18 15.71
CA ASN A 157 11.47 3.87 16.54
C ASN A 157 10.87 4.46 17.80
N GLN A 158 9.95 3.74 18.44
CA GLN A 158 9.34 4.22 19.68
C GLN A 158 9.72 3.35 20.89
N GLU A 159 10.52 2.32 20.67
CA GLU A 159 10.99 1.48 21.80
C GLU A 159 12.28 1.98 22.36
N THR A 160 12.57 1.63 23.61
CA THR A 160 13.87 1.95 24.26
C THR A 160 14.77 0.74 24.29
N GLY A 161 16.01 0.94 24.69
CA GLY A 161 16.98 -0.15 24.75
C GLY A 161 17.30 -0.66 23.36
N CYS A 162 17.33 0.26 22.38
CA CYS A 162 17.67 -0.05 21.00
C CYS A 162 17.96 1.25 20.25
N GLU A 163 18.53 1.15 19.05
CA GLU A 163 18.68 2.33 18.19
C GLU A 163 17.53 2.48 17.19
N TYR A 164 16.94 1.36 16.78
CA TYR A 164 15.74 1.37 15.92
C TYR A 164 14.76 0.32 16.36
N SER A 165 13.48 0.56 16.09
CA SER A 165 12.43 -0.44 16.32
C SER A 165 11.29 -0.44 15.26
N ILE A 166 10.63 -1.58 15.17
CA ILE A 166 9.36 -1.71 14.43
C ILE A 166 8.48 -2.52 15.36
N THR A 167 7.33 -1.94 15.71
CA THR A 167 6.41 -2.63 16.59
CA THR A 167 6.40 -2.51 16.65
C THR A 167 5.08 -2.76 15.94
N PHE A 168 4.53 -3.96 16.06
CA PHE A 168 3.20 -4.27 15.57
C PHE A 168 2.24 -4.46 16.71
N ASN A 169 1.21 -3.62 16.77
CA ASN A 169 0.16 -3.82 17.74
C ASN A 169 -1.07 -4.32 16.99
N PHE A 170 -1.56 -5.47 17.44
CA PHE A 170 -2.75 -6.09 16.87
C PHE A 170 -3.89 -5.91 17.86
N SER A 171 -5.01 -5.34 17.41
CA SER A 171 -6.17 -5.08 18.27
C SER A 171 -7.47 -5.33 17.49
N TRP A 172 -8.58 -5.51 18.21
CA TRP A 172 -9.87 -5.71 17.59
C TRP A 172 -10.91 -5.17 18.49
N SER A 173 -12.03 -4.78 17.89
CA SER A 173 -13.13 -4.20 18.66
C SER A 173 -14.41 -5.04 18.54
N LYS A 174 -14.45 -6.06 17.68
CA LYS A 174 -15.57 -6.99 17.63
C LYS A 174 -15.44 -8.04 18.73
N THR A 175 -16.57 -8.58 19.12
CA THR A 175 -16.68 -9.63 20.12
C THR A 175 -16.54 -10.97 19.41
N TYR A 176 -15.31 -11.49 19.34
CA TYR A 176 -15.07 -12.73 18.63
C TYR A 176 -15.36 -13.90 19.54
N GLU A 177 -15.95 -14.95 18.98
CA GLU A 177 -16.21 -16.13 19.76
C GLU A 177 -15.46 -17.35 19.20
N ASN A 178 -14.43 -17.78 19.93
CA ASN A 178 -13.57 -18.85 19.48
C ASN A 178 -13.03 -18.70 18.07
N VAL A 179 -12.43 -17.55 17.79
CA VAL A 179 -11.87 -17.27 16.48
C VAL A 179 -10.34 -17.39 16.52
N GLU A 180 -9.78 -18.21 15.64
CA GLU A 180 -8.33 -18.42 15.51
C GLU A 180 -7.60 -17.20 14.97
N PHE A 181 -6.62 -16.69 15.72
CA PHE A 181 -5.88 -15.51 15.26
C PHE A 181 -4.79 -15.87 14.25
N GLU A 182 -5.20 -15.92 12.98
CA GLU A 182 -4.28 -16.02 11.86
C GLU A 182 -4.85 -15.13 10.74
N THR A 183 -3.97 -14.35 10.11
CA THR A 183 -4.38 -13.15 9.36
C THR A 183 -4.13 -13.19 7.89
N THR A 184 -4.87 -12.34 7.20
CA THR A 184 -4.51 -11.95 5.86
C THR A 184 -3.28 -11.08 5.93
N SER A 185 -2.72 -10.73 4.77
CA SER A 185 -1.49 -9.96 4.68
C SER A 185 -1.74 -8.48 4.41
N PHE A 186 -0.84 -7.65 4.90
CA PHE A 186 -0.89 -6.19 4.75
C PHE A 186 0.44 -5.66 4.26
N THR A 187 0.36 -4.71 3.31
CA THR A 187 1.52 -4.03 2.80
C THR A 187 1.58 -2.56 3.23
N PHE A 188 2.75 -2.13 3.62
CA PHE A 188 2.99 -0.72 3.89
C PHE A 188 4.42 -0.38 3.46
N SER A 189 4.82 0.87 3.70
CA SER A 189 6.20 1.27 3.44
C SER A 189 6.62 2.22 4.52
N TYR A 190 7.92 2.43 4.65
CA TYR A 190 8.46 3.45 5.54
C TYR A 190 9.77 4.01 5.00
N ILE A 191 10.15 5.17 5.51
CA ILE A 191 11.30 5.89 5.02
C ILE A 191 12.52 5.24 5.65
N ALA A 192 13.51 4.93 4.81
CA ALA A 192 14.72 4.22 5.24
C ALA A 192 15.74 5.21 5.78
N GLN A 193 16.44 4.78 6.82
CA GLN A 193 17.54 5.57 7.43
C GLN A 193 18.61 5.95 6.41
N GLU A 194 19.04 4.99 5.60
CA GLU A 194 20.09 5.19 4.59
C GLU A 194 19.65 4.65 3.26
N PRO B 8 15.25 -3.00 -26.92
CA PRO B 8 15.83 -1.66 -26.95
C PRO B 8 15.45 -0.84 -25.73
N LYS B 9 14.14 -0.59 -25.57
CA LYS B 9 13.58 0.11 -24.41
C LYS B 9 12.59 -0.83 -23.67
N TYR B 10 12.78 -2.14 -23.84
CA TYR B 10 11.87 -3.15 -23.27
C TYR B 10 12.05 -3.27 -21.75
N ASP B 11 10.96 -3.09 -21.01
CA ASP B 11 11.00 -3.08 -19.53
C ASP B 11 10.67 -4.47 -18.94
N THR B 12 11.71 -5.22 -18.55
CA THR B 12 11.55 -6.56 -17.96
C THR B 12 11.22 -6.56 -16.46
N ARG B 13 11.17 -5.39 -15.84
CA ARG B 13 10.81 -5.26 -14.44
C ARG B 13 9.30 -5.06 -14.25
N THR B 14 8.53 -5.00 -15.34
CA THR B 14 7.10 -4.72 -15.25
C THR B 14 6.27 -5.58 -16.20
N LEU B 15 5.31 -6.31 -15.65
CA LEU B 15 4.30 -7.07 -16.41
C LEU B 15 3.00 -6.31 -16.31
N TRP B 16 2.36 -5.95 -17.41
CA TRP B 16 1.14 -5.17 -17.27
C TRP B 16 0.15 -5.36 -18.39
N THR B 17 -1.02 -4.76 -18.20
CA THR B 17 -2.12 -4.83 -19.17
C THR B 17 -2.06 -3.68 -20.18
N THR B 18 -1.06 -2.82 -20.02
CA THR B 18 -1.04 -1.46 -20.57
C THR B 18 -2.03 -0.62 -19.73
N PRO B 19 -1.89 0.71 -19.80
CA PRO B 19 -2.76 1.62 -19.05
C PRO B 19 -3.87 2.27 -19.91
N ASP B 20 -4.11 1.75 -21.11
CA ASP B 20 -5.21 2.26 -21.92
C ASP B 20 -6.53 1.77 -21.33
N THR B 21 -7.65 2.16 -21.92
CA THR B 21 -8.97 1.72 -21.46
C THR B 21 -9.61 0.67 -22.38
N SER B 22 -8.82 0.08 -23.29
CA SER B 22 -9.35 -0.96 -24.19
CA SER B 22 -9.36 -0.95 -24.19
C SER B 22 -9.76 -2.22 -23.43
N PRO B 23 -11.05 -2.68 -23.58
CA PRO B 23 -11.45 -3.92 -22.87
C PRO B 23 -10.52 -5.11 -23.15
N ASN B 24 -10.16 -5.84 -22.09
CA ASN B 24 -9.18 -6.94 -22.14
C ASN B 24 -9.57 -8.12 -21.26
N CYS B 25 -10.80 -8.12 -20.77
CA CYS B 25 -11.20 -9.00 -19.70
C CYS B 25 -12.64 -9.46 -19.92
N THR B 26 -12.93 -10.69 -19.53
CA THR B 26 -14.25 -11.27 -19.67
C THR B 26 -14.77 -11.71 -18.30
N ILE B 27 -15.71 -10.95 -17.74
CA ILE B 27 -16.35 -11.29 -16.47
C ILE B 27 -17.62 -12.11 -16.70
N ALA B 28 -18.57 -11.55 -17.44
CA ALA B 28 -19.82 -12.25 -17.74
C ALA B 28 -20.06 -12.43 -19.24
N GLN B 29 -19.43 -11.59 -20.06
CA GLN B 29 -19.51 -11.71 -21.51
C GLN B 29 -18.23 -11.18 -22.15
N ASP B 30 -17.95 -11.62 -23.37
CA ASP B 30 -16.68 -11.30 -24.02
C ASP B 30 -16.28 -9.83 -23.91
N LYS B 31 -15.10 -9.60 -23.35
CA LYS B 31 -14.51 -8.27 -23.32
C LYS B 31 -15.46 -7.21 -22.78
N ASP B 32 -16.06 -7.53 -21.64
CA ASP B 32 -16.99 -6.64 -20.94
C ASP B 32 -16.31 -5.65 -20.00
N SER B 33 -14.99 -5.74 -19.86
CA SER B 33 -14.26 -4.95 -18.89
C SER B 33 -12.79 -4.71 -19.27
N LYS B 34 -12.24 -3.67 -18.68
CA LYS B 34 -10.80 -3.39 -18.70
C LYS B 34 -10.25 -3.57 -17.30
N LEU B 35 -9.45 -4.62 -17.13
CA LEU B 35 -8.65 -4.77 -15.91
C LEU B 35 -7.31 -4.07 -16.11
N THR B 36 -7.03 -3.03 -15.34
CA THR B 36 -5.73 -2.41 -15.41
C THR B 36 -4.95 -2.96 -14.26
N LEU B 37 -3.91 -3.74 -14.56
CA LEU B 37 -3.11 -4.39 -13.55
C LEU B 37 -1.63 -4.21 -13.90
N VAL B 38 -0.87 -3.63 -12.98
CA VAL B 38 0.55 -3.42 -13.17
C VAL B 38 1.32 -4.17 -12.08
N LEU B 39 2.20 -5.08 -12.49
CA LEU B 39 3.04 -5.82 -11.56
C LEU B 39 4.46 -5.39 -11.77
N THR B 40 5.05 -4.81 -10.74
CA THR B 40 6.37 -4.30 -10.82
C THR B 40 7.28 -5.04 -9.86
N LYS B 41 8.37 -5.60 -10.37
CA LYS B 41 9.20 -6.44 -9.54
C LYS B 41 10.17 -5.56 -8.80
N CYS B 42 10.00 -5.51 -7.50
CA CYS B 42 10.94 -4.89 -6.60
CA CYS B 42 10.94 -4.90 -6.59
C CYS B 42 11.65 -6.05 -5.88
N GLY B 43 12.56 -6.69 -6.60
CA GLY B 43 13.23 -7.85 -6.07
C GLY B 43 12.27 -8.98 -5.69
N SER B 44 12.27 -9.33 -4.41
CA SER B 44 11.56 -10.47 -3.89
CA SER B 44 11.53 -10.50 -3.99
C SER B 44 10.09 -10.17 -3.60
N GLN B 45 9.69 -8.92 -3.85
CA GLN B 45 8.31 -8.55 -3.70
C GLN B 45 7.80 -8.01 -5.01
N ILE B 46 6.53 -8.24 -5.27
CA ILE B 46 5.89 -7.67 -6.43
C ILE B 46 5.00 -6.56 -5.93
N LEU B 47 5.17 -5.35 -6.46
CA LEU B 47 4.35 -4.20 -6.13
C LEU B 47 3.25 -4.16 -7.21
N ALA B 48 2.00 -4.25 -6.78
CA ALA B 48 0.85 -4.45 -7.67
C ALA B 48 -0.12 -3.27 -7.56
N ASN B 49 -0.63 -2.82 -8.70
CA ASN B 49 -1.57 -1.70 -8.76
C ASN B 49 -2.71 -2.17 -9.64
N VAL B 50 -3.96 -2.02 -9.18
CA VAL B 50 -5.08 -2.60 -9.86
C VAL B 50 -6.29 -1.67 -9.81
N SER B 51 -7.04 -1.65 -10.90
CA SER B 51 -8.35 -1.01 -11.00
C SER B 51 -9.15 -1.79 -12.01
N LEU B 52 -10.46 -1.55 -11.99
CA LEU B 52 -11.35 -2.19 -12.93
C LEU B 52 -12.39 -1.24 -13.53
N ILE B 53 -12.56 -1.32 -14.84
CA ILE B 53 -13.65 -0.66 -15.56
C ILE B 53 -14.51 -1.67 -16.22
N VAL B 54 -15.77 -1.76 -15.80
CA VAL B 54 -16.69 -2.59 -16.50
C VAL B 54 -17.43 -1.71 -17.49
N VAL B 55 -17.53 -2.16 -18.73
CA VAL B 55 -18.14 -1.36 -19.82
C VAL B 55 -19.43 -1.93 -20.37
N ALA B 56 -19.71 -3.20 -20.11
CA ALA B 56 -20.93 -3.81 -20.63
C ALA B 56 -21.34 -5.03 -19.83
N GLY B 57 -22.51 -5.52 -20.17
CA GLY B 57 -23.03 -6.75 -19.61
C GLY B 57 -23.52 -6.61 -18.20
N LYS B 58 -23.77 -7.77 -17.61
CA LYS B 58 -24.35 -7.93 -16.27
C LYS B 58 -23.76 -7.10 -15.12
N TYR B 59 -22.44 -6.87 -15.10
CA TYR B 59 -21.81 -6.14 -13.97
C TYR B 59 -21.47 -4.67 -14.27
N HIS B 60 -21.96 -4.20 -15.39
CA HIS B 60 -21.72 -2.83 -15.82
C HIS B 60 -22.48 -1.83 -14.99
N ILE B 61 -23.80 -1.93 -14.98
CA ILE B 61 -24.66 -1.05 -14.16
C ILE B 61 -25.24 -1.91 -13.05
N ILE B 62 -24.88 -1.62 -11.80
CA ILE B 62 -25.43 -2.41 -10.69
C ILE B 62 -26.73 -1.79 -10.22
N ASN B 63 -27.75 -2.62 -10.09
CA ASN B 63 -28.99 -2.24 -9.43
C ASN B 63 -29.52 -3.42 -8.60
N ASN B 64 -29.29 -3.33 -7.29
CA ASN B 64 -29.70 -4.34 -6.33
C ASN B 64 -31.16 -4.20 -5.89
N LYS B 65 -31.85 -3.18 -6.36
CA LYS B 65 -33.29 -3.08 -6.22
C LYS B 65 -33.89 -4.00 -7.27
N THR B 66 -33.39 -3.90 -8.48
CA THR B 66 -33.82 -4.76 -9.58
C THR B 66 -33.31 -6.18 -9.40
N ASN B 67 -32.01 -6.32 -9.14
CA ASN B 67 -31.39 -7.62 -9.02
C ASN B 67 -30.68 -7.69 -7.67
N PRO B 68 -31.40 -8.09 -6.60
CA PRO B 68 -30.75 -8.10 -5.27
C PRO B 68 -29.64 -9.17 -5.11
N LYS B 69 -29.63 -10.20 -5.96
CA LYS B 69 -28.63 -11.28 -5.85
C LYS B 69 -27.24 -10.94 -6.42
N ILE B 70 -27.16 -9.92 -7.27
CA ILE B 70 -25.93 -9.52 -7.96
C ILE B 70 -25.09 -8.72 -6.98
N LYS B 71 -24.14 -9.39 -6.32
CA LYS B 71 -23.41 -8.82 -5.20
C LYS B 71 -21.89 -9.04 -5.28
N SER B 72 -21.44 -9.85 -6.23
CA SER B 72 -20.04 -10.14 -6.37
C SER B 72 -19.68 -10.77 -7.69
N PHE B 73 -18.40 -10.68 -8.05
CA PHE B 73 -17.90 -11.46 -9.18
C PHE B 73 -16.41 -11.61 -9.03
N THR B 74 -15.87 -12.53 -9.81
CA THR B 74 -14.47 -12.88 -9.67
C THR B 74 -13.74 -12.82 -10.99
N ILE B 75 -12.52 -12.29 -10.96
CA ILE B 75 -11.66 -12.24 -12.12
C ILE B 75 -10.43 -13.08 -11.83
N LYS B 76 -10.16 -14.09 -12.66
CA LYS B 76 -9.07 -15.04 -12.41
C LYS B 76 -7.91 -14.93 -13.40
N LEU B 77 -6.70 -14.89 -12.85
CA LEU B 77 -5.49 -14.98 -13.63
C LEU B 77 -4.79 -16.27 -13.22
N LEU B 78 -4.69 -17.18 -14.18
CA LEU B 78 -4.10 -18.51 -13.99
C LEU B 78 -2.86 -18.61 -14.85
N PHE B 79 -1.80 -19.17 -14.29
CA PHE B 79 -0.48 -19.17 -14.91
C PHE B 79 0.12 -20.57 -14.93
N ASN B 80 0.79 -20.94 -16.02
CA ASN B 80 1.49 -22.21 -16.09
C ASN B 80 2.82 -22.16 -15.32
N LYS B 81 3.66 -23.18 -15.52
CA LYS B 81 4.92 -23.36 -14.79
C LYS B 81 5.92 -22.24 -15.02
N ASN B 82 5.86 -21.63 -16.20
CA ASN B 82 6.77 -20.57 -16.59
C ASN B 82 6.22 -19.17 -16.37
N GLY B 83 5.10 -19.06 -15.69
CA GLY B 83 4.49 -17.76 -15.40
C GLY B 83 3.77 -17.17 -16.59
N VAL B 84 3.38 -18.02 -17.55
CA VAL B 84 2.62 -17.61 -18.73
C VAL B 84 1.10 -17.74 -18.44
N LEU B 85 0.35 -16.75 -18.92
CA LEU B 85 -1.07 -16.65 -18.61
C LEU B 85 -1.83 -17.68 -19.44
N LEU B 86 -2.63 -18.51 -18.78
CA LEU B 86 -3.45 -19.52 -19.46
C LEU B 86 -4.73 -18.92 -20.06
N ASP B 87 -5.15 -19.45 -21.20
CA ASP B 87 -6.32 -18.94 -21.95
C ASP B 87 -7.69 -19.00 -21.20
N ASN B 88 -7.82 -19.84 -20.17
CA ASN B 88 -9.05 -19.87 -19.37
C ASN B 88 -9.09 -18.82 -18.25
N SER B 89 -8.09 -17.95 -18.21
CA SER B 89 -8.14 -16.78 -17.37
C SER B 89 -9.23 -15.82 -17.88
N ASN B 90 -9.74 -14.96 -16.99
CA ASN B 90 -10.71 -13.95 -17.40
C ASN B 90 -10.02 -12.86 -18.21
N LEU B 91 -8.77 -12.56 -17.86
CA LEU B 91 -7.93 -11.63 -18.62
C LEU B 91 -7.47 -12.33 -19.87
N GLY B 92 -7.48 -11.60 -21.00
CA GLY B 92 -6.98 -12.12 -22.27
C GLY B 92 -5.47 -11.99 -22.39
N LYS B 93 -4.88 -12.89 -23.16
CA LYS B 93 -3.43 -12.98 -23.26
C LYS B 93 -2.85 -11.91 -24.16
N ALA B 94 -3.67 -11.39 -25.09
CA ALA B 94 -3.18 -10.54 -26.16
C ALA B 94 -2.39 -9.35 -25.65
N TYR B 95 -2.88 -8.69 -24.62
CA TYR B 95 -2.20 -7.49 -24.11
C TYR B 95 -1.70 -7.59 -22.66
N TRP B 96 -1.38 -8.82 -22.22
CA TRP B 96 -0.72 -9.07 -20.94
C TRP B 96 0.72 -9.42 -21.25
N ASN B 97 1.63 -8.54 -20.89
CA ASN B 97 3.02 -8.67 -21.31
C ASN B 97 3.93 -7.67 -20.60
N PHE B 98 5.22 -7.80 -20.85
CA PHE B 98 6.20 -6.86 -20.35
C PHE B 98 6.03 -5.49 -21.00
N ARG B 99 6.31 -4.45 -20.23
CA ARG B 99 6.11 -3.08 -20.67
C ARG B 99 7.14 -2.65 -21.69
N SER B 100 6.67 -1.93 -22.70
CA SER B 100 7.52 -1.10 -23.53
C SER B 100 6.81 0.24 -23.73
N GLY B 101 7.29 1.29 -23.08
CA GLY B 101 6.66 2.61 -23.12
C GLY B 101 5.28 2.52 -22.50
N ASN B 102 4.26 3.02 -23.19
CA ASN B 102 2.86 2.81 -22.74
C ASN B 102 2.21 1.60 -23.43
N SER B 103 3.00 0.84 -24.19
CA SER B 103 2.52 -0.36 -24.84
C SER B 103 3.24 -1.59 -24.28
N ASN B 104 3.33 -2.65 -25.09
CA ASN B 104 4.00 -3.89 -24.69
C ASN B 104 5.12 -4.25 -25.64
N VAL B 105 5.93 -5.22 -25.23
CA VAL B 105 6.97 -5.75 -26.11
C VAL B 105 6.32 -6.45 -27.32
N SER B 106 7.07 -6.54 -28.40
CA SER B 106 6.57 -7.00 -29.70
C SER B 106 6.00 -8.42 -29.65
N THR B 107 6.64 -9.27 -28.86
CA THR B 107 6.35 -10.71 -28.89
C THR B 107 5.98 -11.22 -27.50
N ALA B 108 5.07 -12.19 -27.46
CA ALA B 108 4.59 -12.73 -26.19
C ALA B 108 5.75 -13.30 -25.38
N TYR B 109 5.79 -12.98 -24.10
CA TYR B 109 6.86 -13.50 -23.23
C TYR B 109 6.73 -15.00 -23.00
N GLU B 110 7.88 -15.65 -22.80
CA GLU B 110 7.88 -17.07 -22.49
C GLU B 110 8.14 -17.37 -21.02
N LYS B 111 8.82 -16.46 -20.30
CA LYS B 111 9.12 -16.67 -18.86
C LYS B 111 8.84 -15.45 -17.98
N ALA B 112 8.15 -15.69 -16.87
CA ALA B 112 7.87 -14.64 -15.89
C ALA B 112 7.73 -15.22 -14.49
N ILE B 113 8.55 -16.22 -14.18
CA ILE B 113 8.47 -16.91 -12.89
C ILE B 113 8.69 -15.93 -11.73
N GLY B 114 9.58 -14.96 -11.93
CA GLY B 114 9.85 -13.94 -10.93
C GLY B 114 8.70 -13.03 -10.62
N PHE B 115 7.60 -13.12 -11.37
CA PHE B 115 6.38 -12.34 -11.07
C PHE B 115 5.28 -13.14 -10.39
N MET B 116 5.52 -14.45 -10.29
CA MET B 116 4.52 -15.34 -9.72
C MET B 116 4.50 -15.28 -8.20
N PRO B 117 3.32 -15.49 -7.59
CA PRO B 117 3.29 -15.44 -6.14
C PRO B 117 3.97 -16.70 -5.59
N ASN B 118 4.70 -16.51 -4.52
CA ASN B 118 5.53 -17.53 -3.90
C ASN B 118 4.71 -18.70 -3.40
N LEU B 119 5.02 -19.89 -3.89
CA LEU B 119 4.25 -21.10 -3.56
C LEU B 119 4.47 -21.60 -2.13
N VAL B 120 5.56 -21.20 -1.47
CA VAL B 120 5.74 -21.57 -0.06
C VAL B 120 4.91 -20.62 0.83
N ALA B 121 4.92 -19.33 0.51
CA ALA B 121 4.10 -18.37 1.24
C ALA B 121 2.60 -18.62 1.00
N TYR B 122 2.27 -19.04 -0.22
CA TYR B 122 0.92 -19.15 -0.73
C TYR B 122 0.74 -20.50 -1.41
N PRO B 123 0.70 -21.58 -0.64
CA PRO B 123 0.61 -22.91 -1.24
C PRO B 123 -0.73 -23.21 -1.88
N LYS B 124 -0.72 -24.11 -2.85
CA LYS B 124 -1.95 -24.62 -3.41
C LYS B 124 -2.75 -25.36 -2.34
N PRO B 125 -4.08 -25.51 -2.56
CA PRO B 125 -4.90 -26.34 -1.68
C PRO B 125 -4.31 -27.70 -1.45
N SER B 126 -4.37 -28.18 -0.21
CA SER B 126 -3.84 -29.51 0.13
C SER B 126 -4.47 -29.97 1.41
N ASN B 127 -3.94 -31.08 1.93
CA ASN B 127 -4.25 -31.56 3.27
C ASN B 127 -3.75 -30.68 4.40
N SER B 128 -2.75 -29.86 4.14
CA SER B 128 -2.19 -29.03 5.19
C SER B 128 -3.18 -27.94 5.58
N LYS B 129 -3.00 -27.39 6.77
CA LYS B 129 -3.86 -26.32 7.22
C LYS B 129 -3.78 -25.15 6.27
N LYS B 130 -4.93 -24.59 5.89
CA LYS B 130 -5.02 -23.48 4.97
C LYS B 130 -4.91 -22.18 5.76
N TYR B 131 -3.96 -21.31 5.40
CA TYR B 131 -3.78 -20.06 6.14
C TYR B 131 -4.25 -18.86 5.33
N ALA B 132 -4.71 -17.84 6.04
CA ALA B 132 -5.25 -16.65 5.44
C ALA B 132 -4.20 -15.74 4.78
N ARG B 133 -2.92 -15.98 5.04
CA ARG B 133 -1.94 -15.01 4.53
C ARG B 133 -1.85 -14.92 2.99
N ASP B 134 -2.45 -15.88 2.31
CA ASP B 134 -2.57 -15.83 0.85
C ASP B 134 -3.70 -14.92 0.31
N ILE B 135 -4.32 -14.13 1.18
CA ILE B 135 -5.37 -13.19 0.79
C ILE B 135 -4.92 -11.79 1.14
N VAL B 136 -5.24 -10.80 0.29
CA VAL B 136 -5.13 -9.40 0.64
C VAL B 136 -6.51 -8.75 0.41
N TYR B 137 -7.01 -8.02 1.42
CA TYR B 137 -8.25 -7.24 1.26
C TYR B 137 -7.95 -5.76 1.08
N GLY B 138 -8.73 -5.12 0.21
CA GLY B 138 -8.67 -3.69 -0.01
C GLY B 138 -10.10 -3.21 -0.29
N THR B 139 -10.32 -1.91 -0.12
CA THR B 139 -11.60 -1.32 -0.49
C THR B 139 -11.34 -0.34 -1.64
N ILE B 140 -12.12 -0.41 -2.70
CA ILE B 140 -12.05 0.61 -3.77
C ILE B 140 -13.42 1.27 -3.87
N TYR B 141 -13.53 2.30 -4.71
CA TYR B 141 -14.71 3.13 -4.69
C TYR B 141 -15.27 3.30 -6.05
N LEU B 142 -16.57 3.02 -6.19
CA LEU B 142 -17.19 3.04 -7.48
C LEU B 142 -17.45 4.46 -7.90
N GLY B 143 -17.03 4.79 -9.11
CA GLY B 143 -17.21 6.14 -9.63
C GLY B 143 -16.36 7.14 -8.93
N GLY B 144 -15.41 6.68 -8.10
CA GLY B 144 -14.63 7.58 -7.28
C GLY B 144 -15.37 8.24 -6.15
N LYS B 145 -16.59 7.78 -5.86
CA LYS B 145 -17.42 8.39 -4.82
C LYS B 145 -17.19 7.69 -3.49
N PRO B 146 -16.91 8.46 -2.43
CA PRO B 146 -16.50 7.93 -1.11
C PRO B 146 -17.61 7.12 -0.40
N ASP B 147 -18.86 7.30 -0.83
CA ASP B 147 -19.96 6.52 -0.25
C ASP B 147 -20.31 5.31 -1.09
N GLN B 148 -19.42 4.93 -2.02
CA GLN B 148 -19.67 3.75 -2.88
C GLN B 148 -18.51 2.73 -2.81
N PRO B 149 -18.18 2.25 -1.60
CA PRO B 149 -17.13 1.25 -1.40
C PRO B 149 -17.52 -0.10 -1.99
N ALA B 150 -16.53 -0.78 -2.55
CA ALA B 150 -16.61 -2.19 -2.84
C ALA B 150 -15.30 -2.81 -2.39
N VAL B 151 -15.37 -4.08 -2.03
CA VAL B 151 -14.24 -4.79 -1.48
C VAL B 151 -13.57 -5.53 -2.64
N ILE B 152 -12.26 -5.42 -2.71
CA ILE B 152 -11.50 -6.22 -3.64
C ILE B 152 -10.69 -7.19 -2.74
N LYS B 153 -10.94 -8.47 -2.94
CA LYS B 153 -10.26 -9.52 -2.21
C LYS B 153 -9.33 -10.21 -3.20
N THR B 154 -8.05 -10.23 -2.91
CA THR B 154 -7.06 -10.83 -3.82
C THR B 154 -6.53 -12.07 -3.19
N THR B 155 -6.51 -13.18 -3.95
CA THR B 155 -6.09 -14.45 -3.40
C THR B 155 -4.99 -15.05 -4.30
N PHE B 156 -3.91 -15.53 -3.69
CA PHE B 156 -2.77 -16.12 -4.41
C PHE B 156 -2.78 -17.64 -4.35
N ASN B 157 -2.66 -18.26 -5.54
CA ASN B 157 -2.44 -19.69 -5.67
C ASN B 157 -3.48 -20.60 -5.03
N GLN B 158 -4.76 -20.28 -5.22
CA GLN B 158 -5.82 -21.14 -4.68
C GLN B 158 -6.65 -21.79 -5.78
N GLU B 159 -6.40 -21.45 -7.04
CA GLU B 159 -7.11 -22.04 -8.17
C GLU B 159 -6.48 -23.35 -8.56
N THR B 160 -7.28 -24.30 -9.02
CA THR B 160 -6.74 -25.54 -9.57
C THR B 160 -6.53 -25.42 -11.08
N GLY B 161 -5.90 -26.42 -11.68
CA GLY B 161 -5.63 -26.38 -13.11
C GLY B 161 -4.65 -25.29 -13.50
N CYS B 162 -3.64 -25.09 -12.67
CA CYS B 162 -2.60 -24.11 -12.93
C CYS B 162 -1.41 -24.32 -11.97
N GLU B 163 -0.31 -23.64 -12.21
CA GLU B 163 0.81 -23.68 -11.27
C GLU B 163 0.74 -22.53 -10.27
N TYR B 164 0.24 -21.39 -10.74
CA TYR B 164 0.12 -20.19 -9.94
C TYR B 164 -1.19 -19.53 -10.30
N SER B 165 -1.72 -18.71 -9.42
CA SER B 165 -2.90 -17.94 -9.76
C SER B 165 -2.99 -16.68 -8.92
N ILE B 166 -3.62 -15.67 -9.50
CA ILE B 166 -4.05 -14.49 -8.78
C ILE B 166 -5.54 -14.24 -9.10
N THR B 167 -6.39 -14.18 -8.09
CA THR B 167 -7.83 -13.98 -8.35
C THR B 167 -8.30 -12.74 -7.63
N PHE B 168 -9.09 -11.93 -8.33
CA PHE B 168 -9.66 -10.74 -7.74
C PHE B 168 -11.16 -10.97 -7.60
N ASN B 169 -11.66 -10.94 -6.37
CA ASN B 169 -13.08 -11.02 -6.14
C ASN B 169 -13.56 -9.67 -5.76
N PHE B 170 -14.58 -9.17 -6.44
CA PHE B 170 -15.15 -7.88 -6.12
C PHE B 170 -16.52 -8.13 -5.58
N SER B 171 -16.85 -7.45 -4.48
CA SER B 171 -18.14 -7.57 -3.87
C SER B 171 -18.50 -6.30 -3.13
N TRP B 172 -19.78 -6.20 -2.81
CA TRP B 172 -20.31 -5.04 -2.12
C TRP B 172 -21.50 -5.45 -1.35
N SER B 173 -21.77 -4.72 -0.27
CA SER B 173 -22.82 -5.07 0.67
C SER B 173 -23.95 -4.00 0.66
N LYS B 174 -23.66 -2.81 0.12
CA LYS B 174 -24.70 -1.81 -0.06
C LYS B 174 -25.67 -2.16 -1.17
N THR B 175 -26.90 -1.67 -1.07
CA THR B 175 -27.84 -1.83 -2.15
C THR B 175 -27.68 -0.65 -3.09
N TYR B 176 -26.80 -0.79 -4.08
CA TYR B 176 -26.58 0.26 -5.07
C TYR B 176 -27.67 0.29 -6.13
N GLU B 177 -28.04 1.50 -6.57
CA GLU B 177 -29.09 1.64 -7.58
C GLU B 177 -28.54 2.40 -8.79
N ASN B 178 -28.30 1.66 -9.88
CA ASN B 178 -27.72 2.24 -11.10
C ASN B 178 -26.37 2.88 -10.84
N VAL B 179 -25.51 2.10 -10.19
CA VAL B 179 -24.16 2.52 -9.92
C VAL B 179 -23.25 1.74 -10.90
N GLU B 180 -22.55 2.48 -11.75
CA GLU B 180 -21.66 1.92 -12.72
C GLU B 180 -20.41 1.33 -12.03
N PHE B 181 -20.03 0.12 -12.42
CA PHE B 181 -18.91 -0.53 -11.76
C PHE B 181 -17.60 -0.13 -12.48
N GLU B 182 -17.03 0.93 -12.00
CA GLU B 182 -15.69 1.37 -12.44
C GLU B 182 -15.02 1.96 -11.24
N THR B 183 -13.77 1.55 -10.96
CA THR B 183 -13.21 1.73 -9.62
C THR B 183 -12.05 2.67 -9.53
N THR B 184 -11.85 3.16 -8.32
CA THR B 184 -10.57 3.72 -7.95
C THR B 184 -9.47 2.63 -7.94
N SER B 185 -8.22 3.06 -7.76
CA SER B 185 -7.08 2.14 -7.80
C SER B 185 -6.66 1.72 -6.39
N PHE B 186 -6.06 0.53 -6.34
CA PHE B 186 -5.61 -0.06 -5.10
C PHE B 186 -4.21 -0.64 -5.34
N THR B 187 -3.33 -0.42 -4.38
CA THR B 187 -1.95 -0.96 -4.44
C THR B 187 -1.77 -2.01 -3.34
N PHE B 188 -1.08 -3.10 -3.65
CA PHE B 188 -0.72 -4.12 -2.68
C PHE B 188 0.60 -4.68 -3.10
N SER B 189 1.11 -5.63 -2.34
CA SER B 189 2.31 -6.35 -2.79
C SER B 189 2.15 -7.80 -2.42
N TYR B 190 3.01 -8.66 -2.98
CA TYR B 190 3.09 -10.03 -2.55
C TYR B 190 4.53 -10.54 -2.73
N ILE B 191 4.81 -11.64 -2.06
CA ILE B 191 6.12 -12.27 -2.08
C ILE B 191 6.24 -13.02 -3.41
N ALA B 192 7.34 -12.82 -4.12
CA ALA B 192 7.54 -13.49 -5.41
C ALA B 192 8.17 -14.86 -5.28
N GLN B 193 7.88 -15.71 -6.25
CA GLN B 193 8.38 -17.08 -6.32
C GLN B 193 9.91 -17.13 -6.38
N GLU B 194 10.52 -16.16 -7.05
CA GLU B 194 11.98 -16.06 -7.08
C GLU B 194 12.45 -14.66 -7.41
N THR C 12 18.92 10.16 -7.36
CA THR C 12 18.10 10.11 -8.61
C THR C 12 16.88 9.20 -8.50
N ARG C 13 16.78 8.42 -7.44
CA ARG C 13 15.71 7.42 -7.31
C ARG C 13 14.56 7.92 -6.42
N THR C 14 14.80 8.95 -5.59
CA THR C 14 13.77 9.46 -4.66
C THR C 14 13.63 10.98 -4.74
N LEU C 15 12.39 11.45 -5.00
CA LEU C 15 12.03 12.85 -4.83
C LEU C 15 11.31 12.96 -3.53
N TRP C 16 11.67 14.00 -2.76
CA TRP C 16 11.03 14.18 -1.47
C TRP C 16 11.13 15.58 -0.88
N THR C 17 10.48 15.78 0.26
N THR C 17 10.43 15.76 0.23
CA THR C 17 10.47 17.08 0.94
CA THR C 17 10.39 16.99 1.01
C THR C 17 11.39 17.16 2.16
C THR C 17 11.40 17.16 2.14
N THR C 18 12.30 16.19 2.30
CA THR C 18 13.08 16.01 3.55
CA THR C 18 13.08 15.97 3.55
C THR C 18 12.09 15.54 4.63
N PRO C 19 12.55 14.72 5.59
CA PRO C 19 11.59 14.29 6.60
C PRO C 19 11.67 15.06 7.91
N ASP C 20 12.09 16.32 7.86
CA ASP C 20 12.15 17.14 9.07
C ASP C 20 10.76 17.69 9.41
N THR C 21 10.66 18.58 10.40
CA THR C 21 9.35 19.15 10.75
C THR C 21 9.20 20.63 10.34
N SER C 22 10.11 21.13 9.50
CA SER C 22 10.10 22.53 9.06
C SER C 22 8.97 22.81 8.05
N PRO C 23 8.05 23.73 8.39
CA PRO C 23 6.91 23.95 7.49
C PRO C 23 7.34 24.29 6.06
N ASN C 24 6.69 23.66 5.10
CA ASN C 24 7.03 23.78 3.71
C ASN C 24 5.80 23.96 2.80
N CYS C 25 4.64 24.17 3.39
CA CYS C 25 3.37 24.04 2.70
C CYS C 25 2.40 25.14 3.21
N THR C 26 1.53 25.62 2.32
CA THR C 26 0.64 26.76 2.54
C THR C 26 -0.73 26.22 2.14
N ILE C 27 -1.59 25.96 3.12
CA ILE C 27 -2.96 25.53 2.89
C ILE C 27 -3.85 26.77 2.98
N ALA C 28 -3.90 27.39 4.15
CA ALA C 28 -4.73 28.59 4.38
C ALA C 28 -3.90 29.86 4.56
N GLN C 29 -2.71 29.69 5.16
CA GLN C 29 -1.81 30.78 5.32
C GLN C 29 -0.37 30.31 5.15
N ASP C 30 0.49 31.26 4.83
CA ASP C 30 1.84 30.95 4.45
C ASP C 30 2.54 30.03 5.45
N LYS C 31 3.03 28.91 4.96
CA LYS C 31 3.81 27.97 5.75
C LYS C 31 3.08 27.47 6.98
N ASP C 32 1.80 27.14 6.81
CA ASP C 32 1.03 26.63 7.92
C ASP C 32 1.18 25.13 8.14
N SER C 33 1.92 24.45 7.28
CA SER C 33 2.01 23.00 7.35
C SER C 33 3.31 22.42 6.78
N LYS C 34 3.59 21.20 7.22
CA LYS C 34 4.69 20.40 6.72
C LYS C 34 4.08 19.21 6.06
N LEU C 35 4.12 19.18 4.74
CA LEU C 35 3.79 17.98 3.98
C LEU C 35 5.05 17.13 3.92
N THR C 36 5.01 15.91 4.46
CA THR C 36 6.10 14.97 4.24
C THR C 36 5.66 14.03 3.11
N LEU C 37 6.39 14.07 2.00
CA LEU C 37 6.07 13.25 0.84
C LEU C 37 7.35 12.71 0.28
N VAL C 38 7.35 11.39 0.04
CA VAL C 38 8.45 10.70 -0.54
C VAL C 38 7.97 9.88 -1.71
N LEU C 39 8.58 10.12 -2.87
CA LEU C 39 8.26 9.41 -4.10
C LEU C 39 9.51 8.69 -4.51
N THR C 40 9.41 7.38 -4.60
CA THR C 40 10.50 6.53 -4.94
C THR C 40 10.15 5.77 -6.20
N LYS C 41 11.05 5.81 -7.16
CA LYS C 41 10.77 5.26 -8.47
C LYS C 41 11.19 3.82 -8.47
N CYS C 42 10.19 2.95 -8.50
CA CYS C 42 10.40 1.52 -8.68
CA CYS C 42 10.40 1.52 -8.67
C CYS C 42 9.97 1.17 -10.10
N GLY C 43 10.72 1.66 -11.07
CA GLY C 43 10.43 1.40 -12.48
C GLY C 43 9.12 2.03 -12.92
N SER C 44 8.20 1.19 -13.38
CA SER C 44 6.94 1.67 -13.97
CA SER C 44 6.93 1.64 -13.96
C SER C 44 5.94 2.18 -12.93
N GLN C 45 6.23 1.96 -11.65
CA GLN C 45 5.44 2.50 -10.58
C GLN C 45 6.27 3.40 -9.68
N ILE C 46 5.60 4.39 -9.08
CA ILE C 46 6.14 5.24 -8.02
C ILE C 46 5.53 4.83 -6.71
N LEU C 47 6.38 4.45 -5.76
CA LEU C 47 5.97 4.11 -4.44
C LEU C 47 5.96 5.40 -3.64
N ALA C 48 4.81 5.70 -3.05
CA ALA C 48 4.62 7.00 -2.38
C ALA C 48 4.22 6.85 -0.95
N ASN C 49 4.75 7.76 -0.13
CA ASN C 49 4.52 7.78 1.26
C ASN C 49 4.26 9.23 1.67
N VAL C 50 3.17 9.44 2.40
CA VAL C 50 2.73 10.78 2.73
C VAL C 50 2.15 10.89 4.14
N SER C 51 2.34 12.07 4.72
CA SER C 51 1.78 12.44 6.01
C SER C 51 1.72 13.94 6.08
N LEU C 52 0.98 14.46 7.06
CA LEU C 52 0.77 15.90 7.15
C LEU C 52 0.73 16.38 8.56
N ILE C 53 1.42 17.50 8.81
CA ILE C 53 1.40 18.18 10.08
C ILE C 53 1.00 19.58 9.80
N VAL C 54 -0.09 20.04 10.41
CA VAL C 54 -0.54 21.39 10.23
C VAL C 54 -0.09 22.11 11.49
N VAL C 55 0.69 23.16 11.32
CA VAL C 55 1.38 23.79 12.47
C VAL C 55 0.74 25.07 12.97
N ALA C 56 -0.11 25.69 12.16
CA ALA C 56 -0.75 26.95 12.52
C ALA C 56 -1.95 27.21 11.62
N GLY C 57 -2.73 28.22 12.01
CA GLY C 57 -3.76 28.76 11.15
C GLY C 57 -5.00 27.91 11.24
N LYS C 58 -5.88 28.15 10.28
CA LYS C 58 -7.22 27.59 10.22
C LYS C 58 -7.33 26.08 10.44
N TYR C 59 -6.42 25.28 9.88
CA TYR C 59 -6.57 23.85 9.97
C TYR C 59 -5.68 23.21 11.06
N HIS C 60 -5.10 24.03 11.94
CA HIS C 60 -4.17 23.54 12.95
C HIS C 60 -4.87 22.80 14.01
N ILE C 61 -5.92 23.42 14.60
CA ILE C 61 -6.76 22.77 15.56
C ILE C 61 -8.21 22.75 15.02
N ILE C 62 -8.71 21.56 14.76
CA ILE C 62 -10.10 21.38 14.32
C ILE C 62 -11.09 21.46 15.47
N ASN C 63 -12.07 22.34 15.32
CA ASN C 63 -13.23 22.38 16.22
C ASN C 63 -14.48 22.59 15.40
N ASN C 64 -15.18 21.48 15.18
CA ASN C 64 -16.37 21.46 14.36
C ASN C 64 -17.61 21.84 15.13
N LYS C 65 -17.45 22.10 16.42
CA LYS C 65 -18.53 22.72 17.20
C LYS C 65 -18.53 24.20 16.90
N THR C 66 -17.33 24.77 16.93
CA THR C 66 -17.16 26.17 16.60
C THR C 66 -17.38 26.41 15.13
N ASN C 67 -16.87 25.50 14.29
CA ASN C 67 -16.85 25.67 12.87
C ASN C 67 -17.41 24.41 12.19
N PRO C 68 -18.71 24.25 12.20
CA PRO C 68 -19.33 23.02 11.65
C PRO C 68 -19.00 22.62 10.19
N LYS C 69 -18.66 23.58 9.32
CA LYS C 69 -18.44 23.33 7.89
CA LYS C 69 -18.43 23.26 7.90
C LYS C 69 -16.96 23.16 7.50
N ILE C 70 -16.06 23.31 8.44
CA ILE C 70 -14.63 23.09 8.17
C ILE C 70 -14.39 21.60 8.25
N LYS C 71 -14.47 20.94 7.11
CA LYS C 71 -14.47 19.47 7.09
C LYS C 71 -13.49 18.93 6.05
N SER C 72 -12.80 19.80 5.33
CA SER C 72 -11.87 19.36 4.29
C SER C 72 -10.94 20.49 3.83
N PHE C 73 -9.86 20.09 3.16
CA PHE C 73 -8.99 21.02 2.51
C PHE C 73 -8.12 20.24 1.54
N THR C 74 -7.43 20.95 0.67
CA THR C 74 -6.73 20.32 -0.46
C THR C 74 -5.29 20.89 -0.59
N ILE C 75 -4.36 20.02 -0.95
CA ILE C 75 -2.98 20.38 -1.17
C ILE C 75 -2.66 19.89 -2.56
N LYS C 76 -2.21 20.80 -3.42
CA LYS C 76 -1.98 20.50 -4.79
C LYS C 76 -0.49 20.60 -5.13
N LEU C 77 0.00 19.60 -5.84
CA LEU C 77 1.32 19.65 -6.48
CA LEU C 77 1.32 19.70 -6.46
C LEU C 77 1.12 19.70 -7.99
N LEU C 78 1.50 20.81 -8.60
CA LEU C 78 1.35 21.04 -10.03
C LEU C 78 2.75 20.96 -10.66
N PHE C 79 2.88 20.20 -11.73
CA PHE C 79 4.18 20.06 -12.39
C PHE C 79 4.10 20.43 -13.87
N ASN C 80 5.21 20.97 -14.41
CA ASN C 80 5.28 21.26 -15.83
C ASN C 80 5.70 20.03 -16.63
N LYS C 81 5.92 20.23 -17.91
CA LYS C 81 6.30 19.11 -18.82
C LYS C 81 7.59 18.41 -18.44
N ASN C 82 8.39 19.04 -17.57
CA ASN C 82 9.64 18.47 -17.12
C ASN C 82 9.58 17.82 -15.76
N GLY C 83 8.37 17.79 -15.18
CA GLY C 83 8.15 17.24 -13.85
C GLY C 83 8.63 18.20 -12.77
N VAL C 84 8.82 19.46 -13.13
CA VAL C 84 9.28 20.49 -12.18
C VAL C 84 8.03 21.12 -11.47
N LEU C 85 8.14 21.38 -10.18
CA LEU C 85 7.04 21.89 -9.38
C LEU C 85 6.73 23.33 -9.75
N LEU C 86 5.44 23.65 -9.89
CA LEU C 86 5.04 25.01 -10.23
C LEU C 86 4.67 25.79 -8.95
N ASP C 87 4.94 27.09 -8.95
CA ASP C 87 4.84 27.88 -7.73
C ASP C 87 3.41 28.14 -7.23
N ASN C 88 2.38 27.82 -8.03
CA ASN C 88 1.00 27.80 -7.53
C ASN C 88 0.71 26.58 -6.66
N SER C 89 1.62 25.62 -6.65
CA SER C 89 1.52 24.50 -5.74
C SER C 89 1.44 24.96 -4.30
N ASN C 90 0.74 24.19 -3.45
CA ASN C 90 0.68 24.49 -2.02
C ASN C 90 2.03 24.20 -1.35
N LEU C 91 2.72 23.18 -1.85
CA LEU C 91 4.09 22.84 -1.41
C LEU C 91 5.08 23.85 -2.02
N GLY C 92 5.95 24.41 -1.19
CA GLY C 92 6.97 25.36 -1.64
C GLY C 92 8.11 24.71 -2.42
N LYS C 93 8.59 25.41 -3.43
CA LYS C 93 9.58 24.89 -4.38
C LYS C 93 10.93 24.58 -3.77
N ALA C 94 11.31 25.36 -2.77
CA ALA C 94 12.62 25.23 -2.13
C ALA C 94 12.78 23.90 -1.41
N TYR C 95 11.65 23.33 -1.06
CA TYR C 95 11.51 22.16 -0.19
C TYR C 95 11.32 20.81 -0.94
N TRP C 96 11.54 20.79 -2.26
CA TRP C 96 11.20 19.61 -3.09
C TRP C 96 12.26 19.31 -4.06
N ASN C 97 12.92 18.17 -3.89
CA ASN C 97 14.10 17.84 -4.72
C ASN C 97 14.47 16.38 -4.51
N PHE C 98 15.45 15.89 -5.29
CA PHE C 98 15.96 14.58 -5.10
C PHE C 98 16.67 14.49 -3.75
N ARG C 99 16.62 13.30 -3.16
CA ARG C 99 17.28 13.04 -1.88
C ARG C 99 18.79 13.05 -2.02
N SER C 100 19.44 13.63 -1.02
CA SER C 100 20.85 13.42 -0.78
C SER C 100 21.06 13.29 0.73
N GLY C 101 21.34 12.07 1.19
CA GLY C 101 21.45 11.80 2.63
C GLY C 101 20.11 11.99 3.32
N ASN C 102 20.09 12.76 4.41
CA ASN C 102 18.83 13.13 5.03
C ASN C 102 18.33 14.50 4.59
N SER C 103 18.95 15.06 3.56
CA SER C 103 18.63 16.37 3.04
C SER C 103 18.28 16.34 1.53
N ASN C 104 18.32 17.51 0.90
CA ASN C 104 18.09 17.63 -0.53
C ASN C 104 19.38 18.04 -1.22
N VAL C 105 19.46 17.83 -2.53
CA VAL C 105 20.57 18.40 -3.30
C VAL C 105 20.43 19.92 -3.21
N SER C 106 21.55 20.64 -3.25
CA SER C 106 21.50 22.10 -3.11
C SER C 106 21.13 22.79 -4.43
N THR C 107 21.06 21.99 -5.51
CA THR C 107 20.74 22.48 -6.85
C THR C 107 19.36 21.95 -7.28
N ALA C 108 18.53 22.84 -7.83
CA ALA C 108 17.17 22.48 -8.25
C ALA C 108 17.21 21.48 -9.40
N TYR C 109 16.37 20.47 -9.36
CA TYR C 109 16.40 19.48 -10.43
C TYR C 109 15.76 20.08 -11.67
N GLU C 110 16.18 19.58 -12.84
CA GLU C 110 15.68 20.06 -14.13
C GLU C 110 14.63 19.14 -14.77
N LYS C 111 14.65 17.85 -14.44
CA LYS C 111 13.79 16.88 -15.11
C LYS C 111 13.46 15.79 -14.13
N ALA C 112 12.17 15.46 -14.04
CA ALA C 112 11.75 14.31 -13.30
C ALA C 112 10.50 13.72 -13.94
N ILE C 113 10.55 13.53 -15.26
CA ILE C 113 9.37 13.04 -15.96
C ILE C 113 9.03 11.61 -15.49
N GLY C 114 10.07 10.88 -15.07
CA GLY C 114 9.96 9.50 -14.57
C GLY C 114 9.15 9.32 -13.32
N PHE C 115 8.91 10.42 -12.60
CA PHE C 115 8.12 10.48 -11.37
C PHE C 115 6.70 11.01 -11.53
N MET C 116 6.35 11.40 -12.74
CA MET C 116 5.03 11.98 -12.99
C MET C 116 3.99 10.91 -13.21
N PRO C 117 2.75 11.20 -12.81
CA PRO C 117 1.67 10.22 -13.09
C PRO C 117 1.38 10.06 -14.58
N ASN C 118 1.30 8.81 -15.02
CA ASN C 118 1.15 8.47 -16.43
C ASN C 118 -0.13 9.10 -16.99
N LEU C 119 -0.01 9.82 -18.11
CA LEU C 119 -1.14 10.56 -18.69
C LEU C 119 -2.13 9.68 -19.47
N VAL C 120 -1.69 8.52 -19.94
CA VAL C 120 -2.62 7.56 -20.51
C VAL C 120 -3.45 6.89 -19.42
N ALA C 121 -2.80 6.51 -18.32
CA ALA C 121 -3.51 5.94 -17.20
C ALA C 121 -4.43 6.97 -16.55
N TYR C 122 -3.94 8.21 -16.49
CA TYR C 122 -4.58 9.27 -15.70
C TYR C 122 -4.67 10.53 -16.54
N PRO C 123 -5.55 10.53 -17.55
CA PRO C 123 -5.67 11.67 -18.46
C PRO C 123 -6.18 12.95 -17.81
N LYS C 124 -5.83 14.08 -18.41
CA LYS C 124 -6.38 15.36 -18.03
C LYS C 124 -7.88 15.39 -18.32
N PRO C 125 -8.61 16.27 -17.63
CA PRO C 125 -10.04 16.42 -17.95
C PRO C 125 -10.23 16.80 -19.41
N SER C 126 -11.29 16.27 -20.02
CA SER C 126 -11.63 16.55 -21.39
C SER C 126 -13.13 16.29 -21.49
N ASN C 127 -13.65 16.16 -22.70
CA ASN C 127 -15.06 15.83 -22.92
C ASN C 127 -15.34 14.33 -22.89
N SER C 128 -14.28 13.52 -22.92
CA SER C 128 -14.43 12.07 -22.87
C SER C 128 -14.74 11.58 -21.43
N LYS C 129 -15.19 10.33 -21.32
CA LYS C 129 -15.58 9.75 -20.02
C LYS C 129 -14.44 9.80 -19.05
N LYS C 130 -14.75 10.25 -17.83
CA LYS C 130 -13.78 10.41 -16.77
C LYS C 130 -13.86 9.13 -15.93
N TYR C 131 -12.71 8.47 -15.73
CA TYR C 131 -12.69 7.22 -14.96
C TYR C 131 -12.06 7.42 -13.60
N ALA C 132 -12.48 6.60 -12.65
CA ALA C 132 -12.10 6.73 -11.28
C ALA C 132 -10.70 6.21 -11.00
N ARG C 133 -10.07 5.54 -11.94
CA ARG C 133 -8.78 4.91 -11.59
C ARG C 133 -7.64 5.91 -11.30
N ASP C 134 -7.83 7.18 -11.71
CA ASP C 134 -6.96 8.28 -11.29
C ASP C 134 -7.09 8.78 -9.84
N ILE C 135 -7.87 8.06 -9.03
CA ILE C 135 -8.02 8.33 -7.62
C ILE C 135 -7.59 7.12 -6.79
N VAL C 136 -6.92 7.41 -5.68
CA VAL C 136 -6.64 6.41 -4.64
C VAL C 136 -7.20 6.99 -3.36
N TYR C 137 -7.99 6.21 -2.63
CA TYR C 137 -8.45 6.60 -1.30
C TYR C 137 -7.66 5.87 -0.20
N GLY C 138 -7.43 6.57 0.91
CA GLY C 138 -6.86 6.01 2.10
C GLY C 138 -7.45 6.71 3.32
N THR C 139 -7.28 6.08 4.50
CA THR C 139 -7.59 6.71 5.76
C THR C 139 -6.33 6.86 6.59
N ILE C 140 -6.15 8.03 7.18
CA ILE C 140 -5.08 8.28 8.14
C ILE C 140 -5.73 8.75 9.42
N TYR C 141 -4.94 8.84 10.48
CA TYR C 141 -5.49 9.10 11.78
C TYR C 141 -4.86 10.30 12.43
N LEU C 142 -5.71 11.17 13.00
CA LEU C 142 -5.24 12.41 13.59
C LEU C 142 -4.66 12.13 14.95
N GLY C 143 -3.44 12.59 15.16
CA GLY C 143 -2.72 12.34 16.38
C GLY C 143 -2.45 10.87 16.67
N GLY C 144 -2.51 10.03 15.64
CA GLY C 144 -2.27 8.61 15.84
C GLY C 144 -3.35 7.91 16.63
N LYS C 145 -4.48 8.57 16.86
CA LYS C 145 -5.55 7.94 17.61
C LYS C 145 -6.48 7.16 16.68
N PRO C 146 -6.82 5.90 17.02
CA PRO C 146 -7.62 5.10 16.09
C PRO C 146 -9.05 5.57 15.88
N ASP C 147 -9.55 6.40 16.80
CA ASP C 147 -10.92 6.92 16.70
C ASP C 147 -10.96 8.31 16.06
N GLN C 148 -9.87 8.72 15.40
CA GLN C 148 -9.85 9.98 14.68
C GLN C 148 -9.45 9.83 13.24
N PRO C 149 -10.26 9.11 12.44
CA PRO C 149 -9.88 8.96 11.06
C PRO C 149 -10.17 10.20 10.27
N ALA C 150 -9.40 10.39 9.22
CA ALA C 150 -9.71 11.36 8.17
C ALA C 150 -9.31 10.69 6.89
N VAL C 151 -10.06 11.00 5.83
CA VAL C 151 -9.82 10.46 4.52
C VAL C 151 -8.82 11.30 3.79
N ILE C 152 -7.84 10.62 3.13
CA ILE C 152 -6.93 11.22 2.20
C ILE C 152 -7.26 10.68 0.80
N LYS C 153 -7.77 11.57 -0.06
CA LYS C 153 -8.09 11.27 -1.42
C LYS C 153 -6.97 11.87 -2.27
N THR C 154 -6.34 11.01 -3.06
CA THR C 154 -5.27 11.40 -3.93
C THR C 154 -5.72 11.25 -5.38
N THR C 155 -5.61 12.36 -6.12
CA THR C 155 -6.05 12.39 -7.49
C THR C 155 -4.90 12.78 -8.42
N PHE C 156 -4.75 12.02 -9.49
CA PHE C 156 -3.69 12.26 -10.45
C PHE C 156 -4.20 13.00 -11.70
N ASN C 157 -3.46 14.07 -12.05
CA ASN C 157 -3.58 14.77 -13.31
C ASN C 157 -4.96 15.36 -13.59
N GLN C 158 -5.61 15.88 -12.57
CA GLN C 158 -6.91 16.50 -12.76
C GLN C 158 -6.89 18.01 -12.57
N GLU C 159 -5.74 18.62 -12.34
CA GLU C 159 -5.66 20.07 -12.23
C GLU C 159 -5.37 20.72 -13.58
N THR C 160 -5.90 21.92 -13.79
CA THR C 160 -5.54 22.73 -14.96
C THR C 160 -4.27 23.52 -14.64
N GLY C 161 -3.74 24.21 -15.63
CA GLY C 161 -2.57 25.06 -15.45
C GLY C 161 -1.29 24.28 -15.20
N CYS C 162 -1.22 23.04 -15.70
CA CYS C 162 -0.03 22.20 -15.51
C CYS C 162 -0.05 21.07 -16.52
N GLU C 163 1.05 20.34 -16.63
CA GLU C 163 1.06 19.11 -17.44
C GLU C 163 0.67 17.88 -16.61
N TYR C 164 1.02 17.93 -15.32
CA TYR C 164 0.84 16.84 -14.38
C TYR C 164 0.43 17.40 -13.01
N SER C 165 -0.31 16.61 -12.23
CA SER C 165 -0.67 17.02 -10.88
C SER C 165 -0.92 15.82 -9.97
N ILE C 166 -0.63 16.03 -8.70
CA ILE C 166 -0.98 15.16 -7.60
C ILE C 166 -1.69 16.05 -6.58
N THR C 167 -2.95 15.75 -6.31
CA THR C 167 -3.67 16.49 -5.28
CA THR C 167 -3.74 16.48 -5.34
C THR C 167 -4.09 15.59 -4.14
N PHE C 168 -3.93 16.13 -2.91
CA PHE C 168 -4.32 15.44 -1.69
C PHE C 168 -5.45 16.21 -1.10
N ASN C 169 -6.61 15.56 -0.99
CA ASN C 169 -7.74 16.15 -0.30
C ASN C 169 -7.93 15.41 0.99
N PHE C 170 -7.96 16.17 2.08
CA PHE C 170 -8.13 15.63 3.38
C PHE C 170 -9.53 16.03 3.79
N SER C 171 -10.32 15.07 4.27
CA SER C 171 -11.70 15.33 4.68
C SER C 171 -12.02 14.43 5.82
N TRP C 172 -13.01 14.82 6.64
CA TRP C 172 -13.45 14.00 7.74
C TRP C 172 -14.93 14.18 7.99
N SER C 173 -15.56 13.14 8.51
CA SER C 173 -17.00 13.15 8.71
C SER C 173 -17.40 13.27 10.16
N LYS C 174 -16.49 12.92 11.07
CA LYS C 174 -16.74 13.08 12.50
C LYS C 174 -16.70 14.52 12.91
N THR C 175 -17.36 14.83 14.02
CA THR C 175 -17.36 16.18 14.56
C THR C 175 -16.18 16.25 15.53
N TYR C 176 -15.04 16.80 15.11
CA TYR C 176 -13.89 16.81 15.97
C TYR C 176 -13.84 18.08 16.78
N GLU C 177 -13.49 17.96 18.05
CA GLU C 177 -13.46 19.12 18.97
C GLU C 177 -12.07 19.30 19.53
N ASN C 178 -11.37 20.31 19.04
CA ASN C 178 -10.01 20.60 19.48
C ASN C 178 -9.04 19.46 19.17
N VAL C 179 -9.09 19.02 17.93
CA VAL C 179 -8.17 17.98 17.44
C VAL C 179 -7.10 18.59 16.55
N GLU C 180 -5.84 18.44 16.95
CA GLU C 180 -4.69 18.91 16.16
C GLU C 180 -4.62 18.07 14.90
N PHE C 181 -4.44 18.75 13.75
CA PHE C 181 -4.37 18.07 12.50
C PHE C 181 -2.95 17.69 12.14
N GLU C 182 -2.53 16.57 12.67
CA GLU C 182 -1.26 16.00 12.26
C GLU C 182 -1.46 14.52 12.17
N THR C 183 -0.89 13.91 11.13
CA THR C 183 -1.43 12.60 10.69
C THR C 183 -0.45 11.44 10.78
N THR C 184 -1.02 10.23 10.84
CA THR C 184 -0.25 9.02 10.55
C THR C 184 0.08 8.99 9.08
N SER C 185 0.90 8.02 8.66
CA SER C 185 1.44 7.96 7.31
C SER C 185 0.66 6.95 6.46
N PHE C 186 0.53 7.25 5.16
CA PHE C 186 -0.15 6.37 4.22
C PHE C 186 0.81 6.11 3.08
N THR C 187 0.77 4.90 2.56
CA THR C 187 1.51 4.50 1.35
C THR C 187 0.56 4.13 0.21
N PHE C 188 0.88 4.62 -0.98
CA PHE C 188 0.20 4.19 -2.19
C PHE C 188 1.21 4.09 -3.31
N SER C 189 0.74 3.77 -4.50
CA SER C 189 1.56 3.76 -5.70
C SER C 189 0.75 4.33 -6.85
N TYR C 190 1.44 4.72 -7.89
CA TYR C 190 0.81 5.14 -9.13
C TYR C 190 1.68 4.77 -10.29
N ILE C 191 1.06 4.69 -11.46
CA ILE C 191 1.76 4.30 -12.68
C ILE C 191 2.54 5.52 -13.19
N ALA C 192 3.80 5.31 -13.59
CA ALA C 192 4.71 6.39 -14.00
C ALA C 192 4.58 6.73 -15.45
N GLN C 193 4.82 8.00 -15.75
CA GLN C 193 4.77 8.51 -17.13
C GLN C 193 5.81 7.83 -18.03
N GLU C 194 7.01 7.61 -17.51
CA GLU C 194 8.04 6.84 -18.24
C GLU C 194 8.98 6.14 -17.27
ZN ZN D . -4.60 -22.70 15.22
C1 SIA E . -17.68 -6.08 9.20
C2 SIA E . -17.53 -4.81 8.35
C3 SIA E . -16.11 -4.20 8.41
C4 SIA E . -15.10 -4.98 7.56
C5 SIA E . -15.60 -5.27 6.12
C6 SIA E . -16.98 -5.94 6.25
C7 SIA E . -17.66 -6.29 4.93
C8 SIA E . -19.05 -6.90 5.23
C9 SIA E . -19.65 -7.63 4.04
C10 SIA E . -13.95 -5.83 4.35
C11 SIA E . -13.09 -6.93 3.76
N5 SIA E . -14.72 -6.18 5.39
O1A SIA E . -17.22 -6.11 10.35
O1B SIA E . -18.32 -7.05 8.71
O4 SIA E . -13.90 -4.22 7.60
O6 SIA E . -17.88 -5.10 6.99
O7 SIA E . -17.78 -5.13 4.06
O8 SIA E . -18.98 -7.82 6.34
O9 SIA E . -21.08 -7.72 4.22
O10 SIA E . -13.90 -4.68 3.91
ZN ZN F . -20.31 2.52 -18.65
C1 SIA G . -19.72 4.71 3.49
C2 SIA G . -18.69 4.67 4.61
C3 SIA G . -17.54 3.65 4.33
C4 SIA G . -16.55 4.18 3.31
C5 SIA G . -16.07 5.60 3.69
C6 SIA G . -17.29 6.51 3.91
C7 SIA G . -16.98 7.98 4.23
C8 SIA G . -18.30 8.74 4.46
C9 SIA G . -18.14 10.25 4.42
C10 SIA G . -14.00 6.39 2.63
C11 SIA G . -13.48 7.00 1.38
N5 SIA G . -15.33 6.16 2.60
O1A SIA G . -20.24 3.62 3.15
O1B SIA G . -20.05 5.78 2.90
O4 SIA G . -15.43 3.27 3.21
O6 SIA G . -18.14 5.96 4.93
O7 SIA G . -16.23 8.04 5.44
O8 SIA G . -19.21 8.40 3.40
O9 SIA G . -17.47 10.59 3.20
O10 SIA G . -13.28 6.12 3.55
OAA 1P4 H . -15.38 3.53 13.53
CAG 1P4 H . -16.13 3.20 14.72
CAJ 1P4 H . -17.33 4.13 14.83
CAM 1P4 H . -18.41 3.43 15.67
NBC 1P4 H . -19.36 2.68 14.80
CAD 1P4 H . -20.67 2.86 14.82
NAV 1P4 H . -19.09 1.73 13.89
NAS 1P4 H . -20.18 1.32 13.36
CAY 1P4 H . -21.16 2.01 13.93
CAP 1P4 H . -22.63 1.87 13.59
NBB 1P4 H . -22.72 1.70 12.14
CAR 1P4 H . -22.89 3.00 11.51
CBA 1P4 H . -22.28 2.78 10.15
CAF 1P4 H . -22.69 3.30 9.01
NAU 1P4 H . -21.22 2.01 9.94
NAX 1P4 H . -20.97 2.06 8.74
NBE 1P4 H . -21.82 2.83 8.11
CAO 1P4 H . -21.82 3.07 6.68
CAL 1P4 H . -21.57 4.55 6.44
CAI 1P4 H . -20.15 4.87 6.92
OAC 1P4 H . -19.20 4.42 5.89
CAQ 1P4 H . -23.72 0.75 11.75
CAZ 1P4 H . -22.97 -0.51 11.96
CAE 1P4 H . -22.15 -1.05 11.10
NAT 1P4 H . -22.97 -1.22 13.09
NAW 1P4 H . -22.24 -2.15 12.92
NBD 1P4 H . -21.69 -2.12 11.74
CAN 1P4 H . -20.81 -3.16 11.34
CAK 1P4 H . -20.33 -2.80 9.95
CAH 1P4 H . -19.90 -4.13 9.32
OAB 1P4 H . -18.60 -3.94 8.72
ZN ZN I . -0.86 24.01 18.56
C1 SIA J . -13.89 5.15 14.43
C2 SIA J . -14.00 3.87 13.58
C3 SIA J . -13.33 4.02 12.21
C4 SIA J . -11.81 3.91 12.28
C5 SIA J . -11.32 2.71 13.09
C6 SIA J . -12.00 2.81 14.44
C7 SIA J . -11.58 1.73 15.42
C8 SIA J . -12.30 1.86 16.72
C9 SIA J . -11.50 1.12 17.78
C10 SIA J . -8.96 2.00 12.79
C11 SIA J . -7.52 2.24 13.14
N5 SIA J . -9.86 2.80 13.36
O1A SIA J . -13.51 5.08 15.63
O1B SIA J . -14.21 6.22 13.92
O4 SIA J . -11.33 3.88 10.96
O6 SIA J . -13.44 2.76 14.26
O7 SIA J . -11.94 0.47 14.90
O8 SIA J . -12.41 3.23 17.09
O9 SIA J . -12.37 0.87 18.89
O10 SIA J . -9.26 1.13 12.00
C ACT K . -2.68 25.00 19.64
O ACT K . -2.42 23.84 20.06
OXT ACT K . -1.99 25.53 18.75
CH3 ACT K . -3.84 25.77 20.20
#